data_3O6L
#
_entry.id   3O6L
#
_cell.length_a   123.760
_cell.length_b   69.030
_cell.length_c   62.530
_cell.angle_alpha   90.00
_cell.angle_beta   111.40
_cell.angle_gamma   90.00
#
_symmetry.space_group_name_H-M   'C 1 2 1'
#
loop_
_entity.id
_entity.type
_entity.pdbx_description
1 polymer "11H6H1 Fab' light chain"
2 polymer "11H6H1 Fab' heavy chain"
3 polymer 'Protein Tat 15-mer peptide'
4 water water
#
loop_
_entity_poly.entity_id
_entity_poly.type
_entity_poly.pdbx_seq_one_letter_code
_entity_poly.pdbx_strand_id
1 'polypeptide(L)'
;DVVMTQTPLTLSVTIGQPASISCKSGQSLLYSDGKTYLNWLLQRPGQSPKRLIYLVSKLDSGVPDRFTGSGSGTDFTLKI
SRVEAEDLGIYYCWQGTHFPRTFGGGTKLEIKRADAAPTVSIFPPSSEQLTSGGASVVCFLNNFYPKDINVKWKIDGSER
QNGVLNSWTDQDSKDSTYSMSSTLTLTKDEYERHNSYTCEATHKTSTSPIVKSFNRNEC
;
L
2 'polypeptide(L)'
;EVKLVESGGGLVKPGGSLKLSCAASGFAFSSYDMSWFCQTPEKRLEWVASISSGGSYTYYPDSVKGRFTISRDNARNTLY
LQMNSLRSEDTALYYCARDYDYGVDYWGQGTSVTVSSAKTTPPSVYPLAPGSAAQTNSMVTLGCLVKGYFPEPVTVTWNS
GSLSSGVHTFPAVLQSDLYTLSSSVTVPSSTWPSETVTCNVAHPASSTKVDKKIVPRDC
;
H
3 'polypeptide(L)' EPVDPKLEPWKHPGS C
#
# COMPACT_ATOMS: atom_id res chain seq x y z
N ASP A 1 20.46 -0.54 -12.28
CA ASP A 1 21.16 -0.86 -13.53
C ASP A 1 21.09 -2.31 -13.91
N VAL A 2 21.28 -3.26 -12.97
CA VAL A 2 20.86 -4.64 -13.35
C VAL A 2 19.33 -4.74 -13.34
N VAL A 3 18.71 -5.10 -14.49
CA VAL A 3 17.27 -5.19 -14.59
C VAL A 3 16.78 -6.51 -13.97
N MET A 4 15.84 -6.43 -13.03
CA MET A 4 15.36 -7.63 -12.37
C MET A 4 13.90 -7.80 -12.77
N THR A 5 13.54 -8.93 -13.39
CA THR A 5 12.17 -9.12 -13.91
C THR A 5 11.51 -10.33 -13.26
N GLN A 6 10.38 -10.08 -12.59
CA GLN A 6 9.59 -11.13 -11.94
C GLN A 6 8.35 -11.52 -12.71
N THR A 7 8.02 -12.81 -12.65
CA THR A 7 6.88 -13.41 -13.32
C THR A 7 6.30 -14.49 -12.43
N PRO A 8 4.97 -14.56 -12.30
CA PRO A 8 3.95 -13.69 -12.90
C PRO A 8 3.85 -12.42 -12.07
N LEU A 9 2.99 -11.49 -12.48
CA LEU A 9 2.75 -10.29 -11.67
C LEU A 9 1.84 -10.53 -10.46
N THR A 10 0.84 -11.41 -10.64
CA THR A 10 -0.01 -11.83 -9.60
C THR A 10 -0.17 -13.33 -9.77
N LEU A 11 -0.43 -14.02 -8.67
CA LEU A 11 -0.48 -15.45 -8.68
C LEU A 11 -1.55 -15.74 -7.71
N SER A 12 -2.54 -16.47 -8.16
CA SER A 12 -3.65 -16.87 -7.32
C SER A 12 -3.50 -18.37 -6.96
N VAL A 13 -3.50 -18.70 -5.66
CA VAL A 13 -3.15 -20.06 -5.19
C VAL A 13 -4.13 -20.51 -4.12
N THR A 14 -4.52 -21.78 -4.15
CA THR A 14 -5.32 -22.42 -3.10
C THR A 14 -4.45 -22.87 -1.94
N ILE A 15 -4.94 -22.60 -0.74
CA ILE A 15 -4.24 -23.07 0.43
C ILE A 15 -3.96 -24.59 0.34
N GLY A 16 -2.73 -25.02 0.65
CA GLY A 16 -2.32 -26.44 0.51
C GLY A 16 -1.65 -26.71 -0.84
N GLN A 17 -1.87 -25.86 -1.82
CA GLN A 17 -1.21 -26.05 -3.13
C GLN A 17 0.17 -25.40 -3.25
N PRO A 18 1.06 -25.93 -4.16
CA PRO A 18 2.38 -25.35 -4.36
C PRO A 18 2.26 -24.08 -5.16
N ALA A 19 3.29 -23.23 -5.09
CA ALA A 19 3.35 -22.04 -5.92
C ALA A 19 4.77 -21.84 -6.32
N SER A 20 4.97 -21.18 -7.44
CA SER A 20 6.32 -20.97 -7.89
C SER A 20 6.43 -19.55 -8.48
N ILE A 21 7.48 -18.80 -8.13
CA ILE A 21 7.70 -17.46 -8.64
C ILE A 21 9.03 -17.41 -9.27
N SER A 22 9.09 -16.75 -10.43
CA SER A 22 10.35 -16.62 -11.17
C SER A 22 10.96 -15.22 -11.16
N CYS A 23 12.28 -15.17 -11.16
CA CYS A 23 13.04 -13.91 -11.15
C CYS A 23 14.16 -14.08 -12.13
N LYS A 24 14.21 -13.21 -13.14
CA LYS A 24 15.26 -13.21 -14.14
C LYS A 24 16.04 -11.90 -14.14
N SER A 25 17.37 -11.98 -14.09
CA SER A 25 18.17 -10.77 -14.06
C SER A 25 18.70 -10.50 -15.49
N GLY A 26 19.07 -9.25 -15.77
CA GLY A 26 19.52 -8.81 -17.10
C GLY A 26 20.95 -9.27 -17.35
N GLN A 27 21.73 -9.53 -16.30
CA GLN A 27 23.08 -10.14 -16.46
C GLN A 27 23.33 -11.07 -15.30
N SER A 28 24.39 -11.87 -15.43
CA SER A 28 24.64 -12.90 -14.41
C SER A 28 24.91 -12.30 -13.04
N LEU A 29 24.28 -12.87 -12.01
CA LEU A 29 24.56 -12.47 -10.60
C LEU A 29 25.71 -13.24 -9.89
N LEU A 30 26.36 -14.14 -10.60
CA LEU A 30 27.45 -14.90 -9.98
C LEU A 30 28.70 -14.01 -9.86
N TYR A 31 29.31 -13.90 -8.69
CA TYR A 31 30.44 -13.03 -8.64
C TYR A 31 31.72 -13.87 -8.72
N SER A 32 32.87 -13.20 -8.81
CA SER A 32 34.11 -13.96 -8.99
C SER A 32 34.39 -14.91 -7.83
N ASP A 33 33.92 -14.58 -6.63
CA ASP A 33 34.21 -15.37 -5.46
C ASP A 33 33.33 -16.61 -5.49
N GLY A 34 32.63 -16.86 -6.59
CA GLY A 34 31.75 -18.03 -6.63
C GLY A 34 30.39 -17.93 -5.91
N LYS A 35 30.05 -16.76 -5.33
CA LYS A 35 28.76 -16.58 -4.66
C LYS A 35 27.83 -15.79 -5.58
N THR A 36 26.52 -16.00 -5.43
CA THR A 36 25.49 -15.32 -6.17
C THR A 36 24.58 -14.55 -5.20
N TYR A 37 24.70 -13.23 -5.16
CA TYR A 37 23.94 -12.40 -4.22
C TYR A 37 22.51 -12.08 -4.67
N LEU A 38 21.70 -13.11 -4.59
CA LEU A 38 20.34 -13.02 -5.06
C LEU A 38 19.52 -13.32 -3.83
N ASN A 39 18.53 -12.44 -3.55
CA ASN A 39 17.73 -12.44 -2.31
C ASN A 39 16.22 -12.45 -2.62
N TRP A 40 15.39 -12.95 -1.69
CA TRP A 40 13.96 -12.86 -1.80
C TRP A 40 13.47 -12.30 -0.50
N LEU A 41 12.42 -11.49 -0.58
CA LEU A 41 11.77 -11.05 0.63
C LEU A 41 10.25 -11.00 0.42
N LEU A 42 9.54 -11.02 1.55
CA LEU A 42 8.09 -10.93 1.54
C LEU A 42 7.67 -9.64 2.26
N GLN A 43 6.75 -8.92 1.66
CA GLN A 43 6.05 -7.85 2.41
C GLN A 43 4.54 -8.14 2.53
N ARG A 44 4.10 -8.57 3.71
CA ARG A 44 2.64 -8.76 3.97
C ARG A 44 1.90 -7.43 4.03
N PRO A 45 0.57 -7.38 3.65
CA PRO A 45 -0.12 -6.03 3.61
C PRO A 45 0.10 -5.23 4.92
N GLY A 46 0.60 -3.99 4.81
CA GLY A 46 0.75 -3.13 5.97
C GLY A 46 1.88 -3.54 6.89
N GLN A 47 2.75 -4.44 6.43
CA GLN A 47 3.88 -4.80 7.26
C GLN A 47 5.24 -4.40 6.66
N SER A 48 6.33 -4.61 7.42
CA SER A 48 7.70 -4.33 6.92
C SER A 48 8.15 -5.53 6.15
N PRO A 49 9.08 -5.33 5.21
CA PRO A 49 9.61 -6.47 4.49
C PRO A 49 10.28 -7.41 5.44
N LYS A 50 10.18 -8.69 5.10
CA LYS A 50 10.85 -9.70 5.87
C LYS A 50 11.76 -10.58 4.92
N ARG A 51 13.01 -10.79 5.31
CA ARG A 51 13.88 -11.68 4.54
C ARG A 51 13.33 -13.09 4.44
N LEU A 52 13.33 -13.67 3.24
CA LEU A 52 13.02 -15.09 3.08
C LEU A 52 14.28 -15.89 2.72
N ILE A 53 15.01 -15.42 1.70
CA ILE A 53 16.14 -16.17 1.13
C ILE A 53 17.32 -15.25 0.87
N TYR A 54 18.53 -15.74 1.10
CA TYR A 54 19.73 -15.01 0.78
C TYR A 54 20.72 -15.97 0.08
N LEU A 55 21.70 -15.43 -0.64
CA LEU A 55 22.60 -16.23 -1.51
C LEU A 55 21.88 -17.29 -2.23
N VAL A 56 20.83 -16.92 -3.00
CA VAL A 56 20.07 -17.83 -3.85
C VAL A 56 19.13 -18.83 -3.13
N SER A 57 19.61 -19.54 -2.12
CA SER A 57 18.82 -20.64 -1.53
C SER A 57 19.02 -20.80 -0.02
N LYS A 58 19.75 -19.91 0.64
CA LYS A 58 19.86 -19.99 2.10
C LYS A 58 18.61 -19.38 2.74
N LEU A 59 18.03 -20.16 3.65
CA LEU A 59 16.78 -19.86 4.31
C LEU A 59 16.91 -19.06 5.60
N ASP A 60 16.17 -17.97 5.69
CA ASP A 60 16.11 -17.20 6.91
C ASP A 60 15.54 -18.12 7.98
N SER A 61 16.07 -18.11 9.20
CA SER A 61 15.70 -19.13 10.19
C SER A 61 14.30 -18.89 10.82
N GLY A 62 13.71 -17.73 10.52
CA GLY A 62 12.30 -17.48 10.92
C GLY A 62 11.32 -17.97 9.87
N VAL A 63 11.79 -18.58 8.78
CA VAL A 63 10.92 -18.93 7.64
C VAL A 63 10.82 -20.44 7.53
N PRO A 64 9.60 -21.00 7.41
CA PRO A 64 9.55 -22.45 7.36
C PRO A 64 10.14 -23.01 6.02
N ASP A 65 10.67 -24.23 6.04
CA ASP A 65 11.34 -24.75 4.83
C ASP A 65 10.39 -25.27 3.73
N ARG A 66 9.10 -25.05 3.88
CA ARG A 66 8.25 -25.05 2.70
C ARG A 66 8.65 -24.00 1.63
N PHE A 67 9.44 -22.99 2.03
CA PHE A 67 10.01 -22.04 1.08
C PHE A 67 11.40 -22.54 0.64
N THR A 68 11.59 -22.64 -0.66
CA THR A 68 12.91 -22.88 -1.18
C THR A 68 13.24 -21.91 -2.29
N GLY A 69 14.52 -21.58 -2.35
CA GLY A 69 15.02 -20.82 -3.47
C GLY A 69 16.03 -21.65 -4.25
N SER A 70 16.06 -21.46 -5.56
CA SER A 70 16.99 -22.16 -6.47
C SER A 70 17.28 -21.26 -7.69
N GLY A 71 18.17 -21.74 -8.57
CA GLY A 71 18.55 -21.06 -9.81
C GLY A 71 20.00 -20.73 -9.86
N SER A 72 20.45 -20.15 -10.99
CA SER A 72 21.84 -19.62 -11.12
C SER A 72 21.88 -18.80 -12.40
N GLY A 73 22.91 -17.98 -12.54
CA GLY A 73 23.05 -17.16 -13.73
C GLY A 73 22.10 -16.00 -13.64
N THR A 74 21.06 -16.11 -14.45
CA THR A 74 20.13 -15.02 -14.64
C THR A 74 18.73 -15.53 -14.36
N ASP A 75 18.58 -16.82 -14.02
CA ASP A 75 17.26 -17.41 -13.80
C ASP A 75 17.10 -17.98 -12.39
N PHE A 76 16.08 -17.50 -11.65
CA PHE A 76 15.87 -17.85 -10.24
C PHE A 76 14.45 -18.11 -9.96
N THR A 77 14.19 -18.98 -8.99
CA THR A 77 12.84 -19.36 -8.66
C THR A 77 12.68 -19.42 -7.16
N LEU A 78 11.55 -18.89 -6.67
CA LEU A 78 11.11 -19.15 -5.30
C LEU A 78 9.97 -20.12 -5.37
N LYS A 79 10.06 -21.23 -4.64
CA LYS A 79 8.91 -22.11 -4.59
C LYS A 79 8.36 -22.19 -3.18
N ILE A 80 7.05 -22.34 -3.11
CA ILE A 80 6.37 -22.63 -1.87
C ILE A 80 5.71 -23.96 -2.11
N SER A 81 6.12 -24.97 -1.33
CA SER A 81 5.67 -26.33 -1.52
C SER A 81 4.16 -26.51 -1.18
N ARG A 82 3.68 -25.75 -0.18
CA ARG A 82 2.27 -25.74 0.17
C ARG A 82 1.88 -24.38 0.79
N VAL A 83 0.96 -23.67 0.14
CA VAL A 83 0.75 -22.28 0.48
C VAL A 83 -0.10 -22.25 1.76
N GLU A 84 0.20 -21.33 2.68
CA GLU A 84 -0.80 -21.01 3.78
C GLU A 84 -1.38 -19.61 3.67
N ALA A 85 -2.46 -19.36 4.41
CA ALA A 85 -3.18 -18.10 4.30
C ALA A 85 -2.25 -16.94 4.63
N GLU A 86 -1.33 -17.13 5.55
CA GLU A 86 -0.38 -16.05 5.92
C GLU A 86 0.71 -15.76 4.86
N ASP A 87 0.78 -16.52 3.79
CA ASP A 87 1.73 -16.17 2.72
C ASP A 87 1.25 -15.00 1.80
N LEU A 88 -0.01 -14.61 1.96
CA LEU A 88 -0.58 -13.44 1.26
C LEU A 88 0.33 -12.21 1.35
N GLY A 89 0.65 -11.58 0.19
CA GLY A 89 1.57 -10.46 0.22
C GLY A 89 2.31 -10.33 -1.07
N ILE A 90 3.32 -9.50 -1.09
CA ILE A 90 4.10 -9.23 -2.27
C ILE A 90 5.49 -9.78 -2.06
N TYR A 91 5.90 -10.63 -2.98
CA TYR A 91 7.26 -11.26 -2.94
C TYR A 91 8.22 -10.47 -3.84
N TYR A 92 9.40 -10.09 -3.34
CA TYR A 92 10.33 -9.38 -4.20
C TYR A 92 11.59 -10.17 -4.30
N CYS A 93 12.17 -10.24 -5.49
CA CYS A 93 13.57 -10.68 -5.55
C CYS A 93 14.46 -9.46 -5.65
N TRP A 94 15.70 -9.56 -5.18
CA TRP A 94 16.64 -8.42 -5.33
C TRP A 94 18.08 -8.85 -5.37
N GLN A 95 18.95 -8.14 -6.08
CA GLN A 95 20.35 -8.58 -6.21
C GLN A 95 21.31 -7.60 -5.60
N GLY A 96 22.34 -8.12 -4.92
CA GLY A 96 23.43 -7.28 -4.38
C GLY A 96 24.81 -7.54 -5.02
N THR A 97 24.84 -8.34 -6.10
CA THR A 97 26.12 -8.65 -6.77
C THR A 97 26.74 -7.42 -7.42
N HIS A 98 25.94 -6.70 -8.21
CA HIS A 98 26.40 -5.50 -8.92
C HIS A 98 25.87 -4.22 -8.28
N PHE A 99 26.75 -3.23 -8.12
CA PHE A 99 26.37 -1.91 -7.66
C PHE A 99 25.63 -1.18 -8.82
N PRO A 100 24.46 -0.58 -8.55
CA PRO A 100 23.74 -0.56 -7.26
C PRO A 100 22.79 -1.75 -7.08
N ARG A 101 22.54 -2.16 -5.86
CA ARG A 101 21.42 -3.04 -5.56
C ARG A 101 20.18 -2.73 -6.37
N THR A 102 19.54 -3.74 -6.89
CA THR A 102 18.28 -3.54 -7.61
C THR A 102 17.20 -4.60 -7.31
N PHE A 103 15.95 -4.20 -7.41
CA PHE A 103 14.84 -5.06 -7.01
C PHE A 103 14.05 -5.45 -8.22
N GLY A 104 13.49 -6.65 -8.21
CA GLY A 104 12.37 -6.96 -9.06
C GLY A 104 11.14 -6.16 -8.64
N GLY A 105 10.16 -6.11 -9.54
CA GLY A 105 8.97 -5.25 -9.36
C GLY A 105 7.93 -5.87 -8.43
N GLY A 106 8.11 -7.12 -7.99
CA GLY A 106 7.18 -7.72 -7.05
C GLY A 106 6.18 -8.66 -7.68
N THR A 107 5.80 -9.72 -6.96
CA THR A 107 4.74 -10.65 -7.40
C THR A 107 3.76 -10.67 -6.24
N LYS A 108 2.53 -10.35 -6.56
CA LYS A 108 1.49 -10.36 -5.58
C LYS A 108 0.93 -11.76 -5.50
N LEU A 109 1.02 -12.40 -4.33
CA LEU A 109 0.38 -13.68 -4.16
C LEU A 109 -0.97 -13.52 -3.49
N GLU A 110 -2.04 -14.02 -4.12
CA GLU A 110 -3.36 -13.91 -3.52
C GLU A 110 -3.90 -15.31 -3.25
N ILE A 111 -4.71 -15.37 -2.22
CA ILE A 111 -5.28 -16.62 -1.79
C ILE A 111 -6.59 -16.89 -2.56
N LYS A 112 -6.71 -18.05 -3.16
CA LYS A 112 -7.95 -18.44 -3.76
C LYS A 112 -9.02 -18.76 -2.73
N ARG A 113 -10.24 -18.35 -2.99
CA ARG A 113 -11.38 -18.73 -2.18
C ARG A 113 -12.59 -19.01 -3.05
N ALA A 114 -13.68 -19.43 -2.46
CA ALA A 114 -14.85 -19.72 -3.26
C ALA A 114 -15.43 -18.39 -3.77
N ASP A 115 -15.95 -18.41 -5.01
CA ASP A 115 -16.63 -17.26 -5.62
C ASP A 115 -17.55 -16.50 -4.64
N ALA A 116 -17.59 -15.18 -4.74
CA ALA A 116 -18.47 -14.38 -3.86
C ALA A 116 -18.90 -13.19 -4.65
N ALA A 117 -20.20 -12.88 -4.54
CA ALA A 117 -20.84 -11.84 -5.34
C ALA A 117 -20.65 -10.52 -4.59
N PRO A 118 -20.46 -9.40 -5.31
CA PRO A 118 -20.37 -8.13 -4.56
C PRO A 118 -21.73 -7.68 -3.99
N THR A 119 -21.74 -7.06 -2.83
CA THR A 119 -22.95 -6.40 -2.32
C THR A 119 -22.84 -4.99 -2.75
N VAL A 120 -23.75 -4.55 -3.61
CA VAL A 120 -23.58 -3.26 -4.26
C VAL A 120 -24.49 -2.18 -3.70
N SER A 121 -23.95 -1.01 -3.29
CA SER A 121 -24.80 0.13 -2.82
C SER A 121 -24.47 1.45 -3.54
N ILE A 122 -25.50 2.23 -3.85
CA ILE A 122 -25.29 3.52 -4.58
C ILE A 122 -25.76 4.64 -3.67
N PHE A 123 -25.08 5.79 -3.71
CA PHE A 123 -25.39 6.89 -2.78
C PHE A 123 -25.42 8.13 -3.60
N PRO A 124 -26.55 8.86 -3.61
CA PRO A 124 -26.57 10.12 -4.35
C PRO A 124 -25.70 11.11 -3.60
N PRO A 125 -25.25 12.18 -4.28
CA PRO A 125 -24.47 13.22 -3.61
C PRO A 125 -25.22 13.75 -2.39
N SER A 126 -24.50 13.99 -1.30
CA SER A 126 -25.09 14.56 -0.12
C SER A 126 -25.49 15.99 -0.41
N SER A 127 -26.48 16.41 0.36
CA SER A 127 -26.98 17.72 0.22
C SER A 127 -25.96 18.74 0.74
N GLU A 128 -25.09 18.39 1.69
CA GLU A 128 -24.05 19.35 2.03
C GLU A 128 -23.13 19.53 0.82
N GLN A 129 -22.79 18.47 0.12
CA GLN A 129 -21.84 18.62 -0.97
C GLN A 129 -22.42 19.46 -2.10
N LEU A 130 -23.70 19.31 -2.38
CA LEU A 130 -24.36 20.09 -3.45
C LEU A 130 -24.33 21.57 -3.10
N THR A 131 -24.55 21.92 -1.83
CA THR A 131 -24.40 23.32 -1.47
C THR A 131 -22.99 23.85 -1.75
N SER A 132 -22.01 23.00 -1.98
CA SER A 132 -20.74 23.60 -2.32
C SER A 132 -20.44 23.44 -3.82
N GLY A 133 -21.46 23.03 -4.57
CA GLY A 133 -21.39 22.98 -6.01
C GLY A 133 -20.68 21.77 -6.56
N GLY A 134 -20.73 20.64 -5.85
CA GLY A 134 -20.15 19.41 -6.36
C GLY A 134 -21.08 18.26 -6.15
N ALA A 135 -20.96 17.25 -6.99
CA ALA A 135 -21.88 16.15 -6.87
C ALA A 135 -21.15 14.82 -7.13
N SER A 136 -20.83 14.13 -6.04
CA SER A 136 -20.16 12.83 -6.11
C SER A 136 -21.25 11.78 -5.90
N VAL A 137 -21.38 10.85 -6.83
CA VAL A 137 -22.20 9.71 -6.64
C VAL A 137 -21.19 8.58 -6.26
N VAL A 138 -21.47 7.90 -5.16
CA VAL A 138 -20.58 6.83 -4.68
C VAL A 138 -21.22 5.46 -4.85
N CYS A 139 -20.45 4.50 -5.33
CA CYS A 139 -20.95 3.18 -5.37
C CYS A 139 -19.98 2.25 -4.60
N PHE A 140 -20.48 1.46 -3.64
CA PHE A 140 -19.60 0.52 -2.96
C PHE A 140 -19.93 -0.89 -3.48
N LEU A 141 -18.90 -1.72 -3.65
CA LEU A 141 -19.03 -3.09 -4.15
C LEU A 141 -18.21 -3.91 -3.17
N ASN A 142 -18.86 -4.51 -2.19
CA ASN A 142 -18.13 -5.08 -1.05
C ASN A 142 -18.07 -6.56 -1.03
N ASN A 143 -16.95 -7.08 -0.55
CA ASN A 143 -16.75 -8.48 -0.27
C ASN A 143 -16.97 -9.47 -1.44
N PHE A 144 -16.25 -9.28 -2.50
CA PHE A 144 -16.39 -10.17 -3.67
C PHE A 144 -15.12 -10.96 -3.96
N TYR A 145 -15.26 -12.04 -4.73
CA TYR A 145 -14.13 -12.84 -5.17
C TYR A 145 -14.60 -13.65 -6.37
N PRO A 146 -13.80 -13.78 -7.43
CA PRO A 146 -12.47 -13.25 -7.72
C PRO A 146 -12.44 -11.72 -7.82
N LYS A 147 -11.23 -11.20 -7.93
CA LYS A 147 -10.92 -9.78 -7.98
C LYS A 147 -11.46 -9.14 -9.28
N ASP A 148 -11.67 -9.95 -10.31
CA ASP A 148 -12.05 -9.49 -11.65
C ASP A 148 -13.49 -8.97 -11.65
N ILE A 149 -13.63 -7.66 -11.74
CA ILE A 149 -14.92 -7.00 -11.80
C ILE A 149 -14.89 -5.79 -12.77
N ASN A 150 -15.95 -5.62 -13.55
CA ASN A 150 -16.09 -4.36 -14.28
C ASN A 150 -17.30 -3.59 -13.78
N VAL A 151 -17.07 -2.30 -13.57
CA VAL A 151 -18.12 -1.40 -13.13
C VAL A 151 -18.34 -0.27 -14.11
N LYS A 152 -19.59 -0.11 -14.53
CA LYS A 152 -19.97 0.96 -15.46
C LYS A 152 -20.91 1.92 -14.75
N TRP A 153 -20.60 3.20 -14.85
CA TRP A 153 -21.56 4.26 -14.59
C TRP A 153 -22.45 4.54 -15.83
N LYS A 154 -23.76 4.74 -15.62
CA LYS A 154 -24.64 5.14 -16.74
C LYS A 154 -25.45 6.35 -16.29
N ILE A 155 -25.30 7.46 -17.01
CA ILE A 155 -26.16 8.61 -16.79
C ILE A 155 -27.22 8.67 -17.89
N ASP A 156 -28.48 8.66 -17.46
CA ASP A 156 -29.63 8.59 -18.39
C ASP A 156 -29.33 7.62 -19.52
N GLY A 157 -28.88 6.42 -19.13
CA GLY A 157 -28.76 5.30 -20.05
C GLY A 157 -27.42 5.30 -20.75
N SER A 158 -26.68 6.42 -20.62
CA SER A 158 -25.42 6.60 -21.34
C SER A 158 -24.19 6.26 -20.50
N GLU A 159 -23.47 5.21 -20.89
CA GLU A 159 -22.21 4.87 -20.23
C GLU A 159 -21.29 6.08 -20.12
N ARG A 160 -20.69 6.28 -18.96
CA ARG A 160 -19.86 7.44 -18.72
C ARG A 160 -18.52 7.04 -18.06
N GLN A 161 -17.38 7.29 -18.72
CA GLN A 161 -16.02 6.91 -18.17
C GLN A 161 -15.31 8.09 -17.49
N ASN A 162 -15.60 9.29 -17.96
CA ASN A 162 -15.09 10.58 -17.40
C ASN A 162 -15.59 11.01 -15.98
N GLY A 163 -14.68 11.30 -15.07
CA GLY A 163 -15.08 11.77 -13.73
C GLY A 163 -15.20 10.67 -12.66
N VAL A 164 -14.91 9.45 -13.07
CA VAL A 164 -14.94 8.28 -12.18
C VAL A 164 -13.59 8.18 -11.42
N LEU A 165 -13.62 7.82 -10.15
CA LEU A 165 -12.40 7.51 -9.37
C LEU A 165 -12.66 6.21 -8.63
N ASN A 166 -11.90 5.19 -9.00
CA ASN A 166 -12.06 3.88 -8.44
C ASN A 166 -10.99 3.64 -7.40
N SER A 167 -11.26 2.78 -6.41
CA SER A 167 -10.28 2.49 -5.38
C SER A 167 -10.62 1.13 -4.82
N TRP A 168 -9.60 0.31 -4.53
CA TRP A 168 -9.72 -1.10 -4.18
C TRP A 168 -9.00 -1.34 -2.88
N THR A 169 -9.54 -2.16 -1.99
CA THR A 169 -8.81 -2.59 -0.82
C THR A 169 -7.89 -3.78 -1.16
N ASP A 170 -6.90 -4.05 -0.29
CA ASP A 170 -6.13 -5.30 -0.36
C ASP A 170 -7.12 -6.49 -0.11
N GLN A 171 -6.72 -7.69 -0.49
CA GLN A 171 -7.46 -8.91 -0.16
C GLN A 171 -7.60 -9.00 1.35
N ASP A 172 -8.81 -9.19 1.84
CA ASP A 172 -9.03 -9.16 3.28
C ASP A 172 -8.31 -10.37 3.90
N SER A 173 -7.52 -10.15 4.94
CA SER A 173 -6.81 -11.27 5.50
C SER A 173 -7.75 -12.20 6.28
N LYS A 174 -8.99 -11.78 6.56
CA LYS A 174 -9.94 -12.69 7.24
C LYS A 174 -10.92 -13.54 6.39
N ASP A 175 -11.45 -13.00 5.28
CA ASP A 175 -12.32 -13.81 4.43
C ASP A 175 -11.79 -13.96 3.01
N SER A 176 -10.64 -13.36 2.75
CA SER A 176 -10.03 -13.40 1.40
C SER A 176 -10.85 -12.76 0.30
N THR A 177 -11.81 -11.89 0.63
CA THR A 177 -12.51 -11.17 -0.42
C THR A 177 -11.81 -9.84 -0.77
N TYR A 178 -12.30 -9.19 -1.82
CA TYR A 178 -11.93 -7.81 -2.15
C TYR A 178 -13.11 -6.89 -2.03
N SER A 179 -12.81 -5.60 -1.90
CA SER A 179 -13.88 -4.59 -1.92
C SER A 179 -13.43 -3.43 -2.75
N MET A 180 -14.37 -2.70 -3.33
CA MET A 180 -14.05 -1.48 -4.11
C MET A 180 -15.09 -0.39 -4.01
N SER A 181 -14.63 0.87 -4.08
CA SER A 181 -15.52 2.04 -4.23
C SER A 181 -15.29 2.66 -5.61
N SER A 182 -16.37 3.18 -6.19
CA SER A 182 -16.34 3.79 -7.49
C SER A 182 -17.09 5.10 -7.31
N THR A 183 -16.43 6.22 -7.60
CA THR A 183 -16.98 7.55 -7.31
C THR A 183 -17.07 8.40 -8.56
N LEU A 184 -18.30 8.76 -8.95
CA LEU A 184 -18.52 9.66 -10.07
C LEU A 184 -18.75 11.05 -9.54
N THR A 185 -17.81 11.94 -9.87
CA THR A 185 -17.89 13.34 -9.44
C THR A 185 -18.22 14.23 -10.66
N LEU A 186 -19.30 15.01 -10.58
CA LEU A 186 -19.76 15.91 -11.65
C LEU A 186 -19.84 17.27 -11.04
N THR A 187 -19.97 18.32 -11.85
CA THR A 187 -20.29 19.62 -11.21
C THR A 187 -21.74 19.50 -10.83
N LYS A 188 -22.19 20.36 -9.92
CA LYS A 188 -23.60 20.38 -9.55
C LYS A 188 -24.54 20.64 -10.76
N ASP A 189 -24.24 21.67 -11.59
CA ASP A 189 -25.03 21.94 -12.82
C ASP A 189 -25.24 20.73 -13.74
N GLU A 190 -24.20 19.92 -13.97
CA GLU A 190 -24.44 18.72 -14.75
C GLU A 190 -25.19 17.62 -13.99
N TYR A 191 -25.02 17.58 -12.67
CA TYR A 191 -25.80 16.65 -11.88
C TYR A 191 -27.26 16.95 -12.11
N GLU A 192 -27.58 18.25 -11.97
CA GLU A 192 -28.85 18.94 -12.31
C GLU A 192 -29.50 18.57 -13.65
N ARG A 193 -28.71 18.39 -14.71
CA ARG A 193 -29.22 18.15 -16.06
C ARG A 193 -29.58 16.71 -16.35
N HIS A 194 -29.50 15.82 -15.38
CA HIS A 194 -29.85 14.44 -15.66
C HIS A 194 -30.73 13.89 -14.57
N ASN A 195 -31.38 12.78 -14.88
CA ASN A 195 -32.33 12.23 -13.93
C ASN A 195 -31.82 10.97 -13.27
N SER A 196 -31.18 10.15 -14.09
CA SER A 196 -31.01 8.74 -13.82
C SER A 196 -29.54 8.36 -13.64
N TYR A 197 -29.20 7.73 -12.52
CA TYR A 197 -27.82 7.40 -12.17
C TYR A 197 -27.61 5.95 -11.79
N THR A 198 -26.74 5.26 -12.52
CA THR A 198 -26.62 3.81 -12.41
C THR A 198 -25.19 3.38 -12.21
N CYS A 199 -25.02 2.51 -11.23
CA CYS A 199 -23.76 1.83 -10.98
C CYS A 199 -24.02 0.40 -11.42
N GLU A 200 -23.21 -0.11 -12.35
CA GLU A 200 -23.41 -1.47 -12.92
C GLU A 200 -22.25 -2.48 -12.81
N ALA A 201 -22.45 -3.59 -12.10
CA ALA A 201 -21.30 -4.48 -11.82
C ALA A 201 -21.34 -5.79 -12.60
N THR A 202 -20.29 -6.08 -13.34
CA THR A 202 -20.26 -7.37 -14.02
C THR A 202 -19.36 -8.41 -13.30
N HIS A 203 -19.90 -9.57 -12.94
CA HIS A 203 -19.08 -10.51 -12.17
C HIS A 203 -19.50 -11.97 -12.42
N LYS A 204 -18.50 -12.85 -12.52
CA LYS A 204 -18.71 -14.29 -12.77
C LYS A 204 -19.76 -14.95 -11.88
N THR A 205 -20.18 -14.28 -10.82
CA THR A 205 -21.10 -14.85 -9.86
C THR A 205 -22.60 -14.66 -10.16
N SER A 206 -22.93 -14.04 -11.27
CA SER A 206 -24.35 -13.89 -11.59
C SER A 206 -24.50 -13.78 -13.08
N THR A 207 -25.61 -14.37 -13.56
CA THR A 207 -25.89 -14.52 -15.00
C THR A 207 -26.30 -13.18 -15.67
N SER A 208 -26.59 -12.17 -14.83
CA SER A 208 -26.90 -10.77 -15.24
C SER A 208 -26.15 -9.71 -14.35
N PRO A 209 -25.66 -8.60 -14.97
CA PRO A 209 -24.88 -7.55 -14.25
C PRO A 209 -25.61 -7.14 -13.02
N ILE A 210 -24.90 -6.83 -11.93
CA ILE A 210 -25.59 -6.40 -10.70
C ILE A 210 -25.87 -4.90 -10.91
N VAL A 211 -27.16 -4.51 -10.84
CA VAL A 211 -27.58 -3.12 -11.17
C VAL A 211 -28.09 -2.37 -9.95
N LYS A 212 -27.54 -1.18 -9.70
CA LYS A 212 -28.04 -0.28 -8.62
C LYS A 212 -28.15 1.14 -9.15
N SER A 213 -29.26 1.81 -8.85
CA SER A 213 -29.66 3.00 -9.59
C SER A 213 -30.46 3.95 -8.72
N PHE A 214 -30.60 5.23 -9.10
CA PHE A 214 -31.56 6.08 -8.38
C PHE A 214 -32.52 7.11 -9.02
N ASN A 215 -32.17 7.84 -10.05
CA ASN A 215 -33.13 8.88 -10.52
C ASN A 215 -33.36 10.02 -9.52
N ARG A 216 -33.04 11.24 -9.94
CA ARG A 216 -33.40 12.39 -9.11
C ARG A 216 -34.93 12.54 -8.97
N ASN A 217 -35.66 12.41 -10.07
CA ASN A 217 -37.10 12.68 -10.07
C ASN A 217 -37.90 12.02 -11.21
N GLU B 1 16.57 -9.01 20.61
CA GLU B 1 15.72 -8.80 19.41
C GLU B 1 16.21 -7.56 18.65
N VAL B 2 16.50 -7.72 17.38
CA VAL B 2 16.83 -6.59 16.51
C VAL B 2 15.64 -5.65 16.30
N LYS B 3 15.85 -4.37 16.54
CA LYS B 3 14.74 -3.46 16.44
C LYS B 3 15.20 -2.16 15.82
N LEU B 4 14.47 -1.64 14.86
CA LEU B 4 14.89 -0.42 14.15
C LEU B 4 13.66 0.45 14.04
N VAL B 5 13.78 1.68 14.50
CA VAL B 5 12.62 2.53 14.60
C VAL B 5 12.96 3.86 13.92
N GLU B 6 12.32 4.11 12.78
CA GLU B 6 12.62 5.31 11.98
C GLU B 6 11.73 6.45 12.47
N SER B 7 12.20 7.67 12.36
CA SER B 7 11.32 8.79 12.58
C SER B 7 11.79 9.96 11.74
N GLY B 8 10.95 11.00 11.70
CA GLY B 8 11.36 12.23 11.09
C GLY B 8 10.70 12.54 9.75
N GLY B 9 9.84 11.66 9.23
CA GLY B 9 9.21 11.90 7.91
C GLY B 9 8.11 12.96 7.98
N GLY B 10 7.72 13.51 6.85
CA GLY B 10 6.64 14.50 6.87
C GLY B 10 6.55 15.05 5.46
N LEU B 11 5.84 16.16 5.33
CA LEU B 11 5.59 16.79 4.07
C LEU B 11 6.65 17.82 3.90
N VAL B 12 7.28 17.87 2.74
CA VAL B 12 8.38 18.83 2.51
C VAL B 12 8.22 19.38 1.13
N LYS B 13 8.61 20.66 0.92
CA LYS B 13 8.56 21.22 -0.45
C LYS B 13 9.68 20.69 -1.35
N PRO B 14 9.47 20.63 -2.69
CA PRO B 14 10.53 20.31 -3.64
C PRO B 14 11.67 21.30 -3.45
N GLY B 15 12.91 20.79 -3.48
CA GLY B 15 14.06 21.63 -3.17
C GLY B 15 14.40 21.63 -1.68
N GLY B 16 13.55 21.08 -0.79
CA GLY B 16 13.72 21.35 0.65
C GLY B 16 14.55 20.22 1.23
N SER B 17 14.67 20.22 2.56
CA SER B 17 15.48 19.29 3.30
C SER B 17 14.72 18.59 4.37
N LEU B 18 15.14 17.36 4.68
CA LEU B 18 14.58 16.68 5.83
C LEU B 18 15.65 15.75 6.36
N LYS B 19 15.65 15.52 7.66
CA LYS B 19 16.62 14.57 8.21
C LYS B 19 15.86 13.44 8.88
N LEU B 20 16.13 12.22 8.40
CA LEU B 20 15.50 11.04 9.02
C LEU B 20 16.44 10.41 10.03
N SER B 21 15.87 9.76 11.03
CA SER B 21 16.73 8.89 11.80
C SER B 21 16.09 7.57 12.09
N CYS B 22 16.97 6.67 12.50
CA CYS B 22 16.60 5.32 12.81
C CYS B 22 17.26 4.95 14.16
N ALA B 23 16.47 4.61 15.18
CA ALA B 23 17.01 4.24 16.47
C ALA B 23 17.14 2.73 16.47
N ALA B 24 18.36 2.24 16.65
CA ALA B 24 18.60 0.82 16.59
C ALA B 24 18.78 0.34 18.04
N SER B 25 18.27 -0.86 18.32
CA SER B 25 18.52 -1.51 19.60
C SER B 25 18.45 -3.03 19.46
N GLY B 26 18.98 -3.72 20.44
CA GLY B 26 18.86 -5.17 20.49
C GLY B 26 20.06 -5.80 19.86
N PHE B 27 21.07 -5.01 19.55
CA PHE B 27 22.28 -5.57 18.93
C PHE B 27 23.44 -4.60 18.93
N ALA B 28 24.60 -5.13 18.65
CA ALA B 28 25.81 -4.35 18.64
C ALA B 28 25.82 -3.50 17.37
N PHE B 29 25.16 -2.33 17.43
CA PHE B 29 25.07 -1.37 16.27
C PHE B 29 26.39 -1.14 15.55
N SER B 30 27.47 -0.84 16.29
CA SER B 30 28.82 -0.55 15.73
C SER B 30 29.43 -1.63 14.83
N SER B 31 28.95 -2.86 14.94
CA SER B 31 29.52 -3.98 14.13
C SER B 31 28.98 -4.15 12.70
N TYR B 32 27.90 -3.44 12.36
CA TYR B 32 27.18 -3.72 11.12
C TYR B 32 27.13 -2.53 10.23
N ASP B 33 27.40 -2.78 8.96
CA ASP B 33 26.95 -1.87 7.93
C ASP B 33 25.40 -1.64 8.08
N MET B 34 24.89 -0.49 7.64
CA MET B 34 23.42 -0.20 7.72
C MET B 34 23.04 0.44 6.41
N SER B 35 21.74 0.38 6.08
CA SER B 35 21.24 0.83 4.79
C SER B 35 19.93 1.60 4.98
N TRP B 36 19.65 2.47 3.99
CA TRP B 36 18.30 3.06 3.79
C TRP B 36 17.77 2.46 2.51
N PHE B 37 16.48 2.10 2.57
CA PHE B 37 15.68 1.73 1.42
C PHE B 37 14.40 2.60 1.42
N CYS B 38 13.65 2.57 0.32
CA CYS B 38 12.36 3.19 0.31
C CYS B 38 11.39 2.38 -0.52
N GLN B 39 10.14 2.52 -0.15
CA GLN B 39 9.02 1.94 -0.89
C GLN B 39 8.11 3.03 -1.49
N THR B 40 8.00 3.09 -2.80
CA THR B 40 7.25 4.18 -3.43
C THR B 40 5.77 3.91 -3.26
N PRO B 41 4.94 4.97 -3.51
CA PRO B 41 3.51 4.75 -3.44
C PRO B 41 3.04 3.59 -4.38
N GLU B 42 3.73 3.32 -5.47
CA GLU B 42 3.41 2.16 -6.34
C GLU B 42 3.90 0.83 -5.80
N LYS B 43 4.46 0.77 -4.57
CA LYS B 43 5.10 -0.47 -4.01
C LYS B 43 6.27 -1.00 -4.82
N ARG B 44 7.02 -0.10 -5.41
CA ARG B 44 8.36 -0.37 -5.82
C ARG B 44 9.32 -0.22 -4.64
N LEU B 45 10.24 -1.13 -4.49
CA LEU B 45 11.30 -1.00 -3.52
C LEU B 45 12.58 -0.48 -4.16
N GLU B 46 13.29 0.40 -3.46
CA GLU B 46 14.53 0.89 -3.99
C GLU B 46 15.56 1.05 -2.89
N TRP B 47 16.82 0.80 -3.23
CA TRP B 47 17.88 0.98 -2.30
C TRP B 47 18.23 2.48 -2.33
N VAL B 48 18.43 3.09 -1.18
CA VAL B 48 18.71 4.50 -1.10
C VAL B 48 20.16 4.89 -0.72
N ALA B 49 20.76 4.21 0.26
CA ALA B 49 22.12 4.58 0.74
C ALA B 49 22.60 3.50 1.73
N SER B 50 23.92 3.34 1.82
CA SER B 50 24.48 2.37 2.79
C SER B 50 25.68 2.99 3.44
N ILE B 51 25.96 2.60 4.67
CA ILE B 51 27.12 3.08 5.38
C ILE B 51 27.87 1.92 6.12
N SER B 52 29.21 1.95 6.06
CA SER B 52 30.05 0.92 6.72
C SER B 52 29.89 1.02 8.23
N SER B 53 29.99 -0.11 8.93
CA SER B 53 29.90 -0.17 10.39
C SER B 53 30.55 0.99 11.14
N GLY B 54 31.72 1.41 10.63
CA GLY B 54 32.59 2.33 11.31
C GLY B 54 32.17 3.74 11.00
N GLY B 55 31.77 3.98 9.75
CA GLY B 55 31.28 5.25 9.33
C GLY B 55 32.00 5.75 8.12
N SER B 56 33.12 5.13 7.74
CA SER B 56 34.00 5.74 6.78
C SER B 56 33.59 5.61 5.37
N TYR B 57 32.95 4.49 5.05
CA TYR B 57 32.57 4.29 3.68
C TYR B 57 31.07 4.51 3.57
N THR B 58 30.65 5.26 2.55
CA THR B 58 29.26 5.55 2.28
C THR B 58 29.10 5.24 0.84
N TYR B 59 27.90 4.80 0.44
CA TYR B 59 27.58 4.29 -0.89
C TYR B 59 26.18 4.83 -1.23
N TYR B 60 26.02 5.25 -2.46
CA TYR B 60 24.79 5.89 -2.89
C TYR B 60 24.55 5.55 -4.32
N PRO B 61 23.29 5.29 -4.70
CA PRO B 61 23.07 5.12 -6.13
C PRO B 61 23.04 6.52 -6.77
N ASP B 62 23.21 6.57 -8.09
CA ASP B 62 23.17 7.83 -8.87
C ASP B 62 21.93 8.69 -8.54
N SER B 63 20.79 8.05 -8.27
CA SER B 63 19.52 8.78 -8.06
C SER B 63 19.57 9.74 -6.89
N VAL B 64 20.41 9.48 -5.88
CA VAL B 64 20.44 10.32 -4.69
C VAL B 64 21.79 10.91 -4.45
N LYS B 65 22.73 10.42 -5.24
CA LYS B 65 24.11 10.81 -5.06
C LYS B 65 24.15 12.32 -5.26
N GLY B 66 24.76 13.02 -4.32
CA GLY B 66 24.89 14.46 -4.41
C GLY B 66 23.81 15.17 -3.68
N ARG B 67 22.74 14.47 -3.34
CA ARG B 67 21.63 15.11 -2.60
C ARG B 67 21.52 14.62 -1.15
N PHE B 68 21.60 13.30 -0.96
CA PHE B 68 21.37 12.71 0.41
C PHE B 68 22.69 12.40 1.03
N THR B 69 22.74 12.41 2.37
CA THR B 69 23.88 11.96 3.13
C THR B 69 23.48 11.02 4.23
N ILE B 70 24.08 9.85 4.25
CA ILE B 70 23.85 8.91 5.28
C ILE B 70 25.01 9.03 6.24
N SER B 71 24.71 8.95 7.52
CA SER B 71 25.74 9.11 8.51
C SER B 71 25.20 8.30 9.69
N ARG B 72 26.03 8.12 10.70
CA ARG B 72 25.66 7.31 11.85
C ARG B 72 26.36 7.82 13.06
N ASP B 73 25.69 7.69 14.20
CA ASP B 73 26.24 7.92 15.51
C ASP B 73 26.43 6.63 16.33
N ASN B 74 27.62 6.02 16.20
CA ASN B 74 27.86 4.77 16.93
C ASN B 74 27.72 4.85 18.42
N ALA B 75 27.91 6.05 18.98
CA ALA B 75 27.76 6.24 20.42
C ALA B 75 26.31 6.20 20.89
N ARG B 76 25.37 6.61 20.02
CA ARG B 76 23.94 6.62 20.39
C ARG B 76 23.05 5.62 19.62
N ASN B 77 23.69 4.70 18.92
CA ASN B 77 23.00 3.62 18.22
C ASN B 77 21.94 4.20 17.26
N THR B 78 22.36 5.12 16.40
CA THR B 78 21.41 5.89 15.62
C THR B 78 21.91 6.02 14.23
N LEU B 79 21.04 5.78 13.26
CA LEU B 79 21.43 5.98 11.87
C LEU B 79 20.68 7.21 11.32
N TYR B 80 21.27 7.95 10.38
CA TYR B 80 20.64 9.15 9.84
C TYR B 80 20.64 9.18 8.35
N LEU B 81 19.62 9.83 7.79
CA LEU B 81 19.63 10.19 6.37
C LEU B 81 19.26 11.67 6.21
N GLN B 82 20.21 12.47 5.73
CA GLN B 82 20.03 13.92 5.54
C GLN B 82 19.67 14.01 4.10
N MET B 83 18.45 14.39 3.85
CA MET B 83 17.97 14.46 2.49
C MET B 83 17.95 15.95 2.10
N ASN B 84 18.66 16.30 1.05
CA ASN B 84 18.64 17.68 0.49
C ASN B 84 18.19 17.65 -0.93
N SER B 85 17.83 18.83 -1.43
CA SER B 85 17.27 18.95 -2.78
C SER B 85 16.23 17.88 -3.06
N LEU B 86 15.22 17.80 -2.22
CA LEU B 86 14.16 16.85 -2.47
C LEU B 86 13.37 17.06 -3.73
N ARG B 87 12.96 15.92 -4.30
CA ARG B 87 12.20 15.90 -5.51
C ARG B 87 10.89 15.15 -5.29
N SER B 88 9.89 15.46 -6.12
CA SER B 88 8.62 14.78 -5.97
C SER B 88 8.79 13.24 -6.06
N GLU B 89 9.72 12.78 -6.90
CA GLU B 89 10.04 11.34 -7.08
C GLU B 89 10.58 10.70 -5.81
N ASP B 90 11.09 11.50 -4.88
CA ASP B 90 11.58 10.99 -3.59
C ASP B 90 10.43 10.63 -2.63
N THR B 91 9.18 10.95 -3.01
CA THR B 91 8.02 10.59 -2.21
C THR B 91 7.96 9.10 -1.95
N ALA B 92 8.06 8.68 -0.68
CA ALA B 92 8.21 7.24 -0.39
C ALA B 92 8.13 6.99 1.09
N LEU B 93 7.97 5.71 1.41
CA LEU B 93 8.12 5.22 2.80
C LEU B 93 9.57 4.75 2.94
N TYR B 94 10.30 5.39 3.85
CA TYR B 94 11.76 5.16 3.99
C TYR B 94 12.05 4.18 5.11
N TYR B 95 12.81 3.11 4.82
CA TYR B 95 13.14 2.07 5.81
C TYR B 95 14.62 2.08 6.08
N CYS B 96 14.97 1.89 7.35
CA CYS B 96 16.28 1.65 7.85
C CYS B 96 16.44 0.10 7.80
N ALA B 97 17.64 -0.43 7.48
CA ALA B 97 17.82 -1.88 7.50
C ALA B 97 19.26 -2.23 7.87
N ARG B 98 19.46 -3.43 8.47
CA ARG B 98 20.77 -3.91 8.88
C ARG B 98 21.41 -4.79 7.78
N ASP B 99 22.63 -4.48 7.37
CA ASP B 99 23.30 -5.28 6.36
C ASP B 99 23.98 -6.49 7.03
N TYR B 100 23.60 -7.68 6.68
CA TYR B 100 24.30 -8.81 7.20
C TYR B 100 23.95 -9.99 6.30
N ASP B 101 24.73 -11.08 6.45
CA ASP B 101 24.47 -12.34 5.76
C ASP B 101 24.37 -12.13 4.25
N TYR B 102 25.37 -11.50 3.65
CA TYR B 102 25.45 -11.36 2.22
C TYR B 102 24.32 -10.49 1.64
N GLY B 103 23.76 -9.62 2.48
CA GLY B 103 22.59 -8.81 2.03
C GLY B 103 22.11 -8.01 3.18
N VAL B 104 20.80 -8.15 3.46
CA VAL B 104 20.16 -7.33 4.45
C VAL B 104 19.28 -8.26 5.18
N ASP B 105 19.34 -8.14 6.51
CA ASP B 105 18.57 -9.08 7.33
C ASP B 105 17.36 -8.49 8.03
N TYR B 106 17.47 -7.41 8.77
CA TYR B 106 16.30 -6.84 9.42
C TYR B 106 15.97 -5.47 8.85
N TRP B 107 14.66 -5.23 8.67
CA TRP B 107 14.07 -3.92 8.28
C TRP B 107 13.31 -3.26 9.42
N GLY B 108 13.26 -1.93 9.40
CA GLY B 108 12.48 -1.17 10.37
C GLY B 108 11.04 -1.08 10.02
N GLN B 109 10.34 -0.08 10.53
CA GLN B 109 8.91 0.01 10.26
C GLN B 109 8.55 1.02 9.20
N GLY B 110 9.48 1.92 8.88
CA GLY B 110 9.32 2.93 7.80
C GLY B 110 8.87 4.30 8.36
N THR B 111 9.31 5.38 7.74
CA THR B 111 8.77 6.71 8.07
C THR B 111 8.40 7.35 6.69
N SER B 112 7.26 8.00 6.61
CA SER B 112 6.68 8.42 5.33
C SER B 112 7.06 9.84 4.93
N VAL B 113 7.55 10.02 3.71
CA VAL B 113 7.93 11.36 3.23
C VAL B 113 7.14 11.71 2.00
N THR B 114 6.49 12.89 2.02
CA THR B 114 5.86 13.42 0.82
C THR B 114 6.55 14.75 0.41
N VAL B 115 6.96 14.80 -0.86
CA VAL B 115 7.66 15.97 -1.38
C VAL B 115 6.70 16.64 -2.37
N SER B 116 6.22 17.83 -2.04
CA SER B 116 5.12 18.45 -2.81
C SER B 116 5.02 19.91 -2.44
N SER B 117 4.72 20.75 -3.47
CA SER B 117 4.55 22.15 -3.20
C SER B 117 3.05 22.43 -2.97
N ALA B 118 2.17 21.40 -3.04
CA ALA B 118 0.72 21.55 -2.78
C ALA B 118 0.41 21.88 -1.29
N LYS B 119 -0.61 22.68 -1.01
CA LYS B 119 -0.76 23.12 0.37
C LYS B 119 -1.57 22.18 1.23
N THR B 120 -1.28 22.21 2.52
CA THR B 120 -2.04 21.45 3.47
C THR B 120 -3.46 21.95 3.44
N THR B 121 -4.40 21.01 3.31
CA THR B 121 -5.82 21.31 3.19
C THR B 121 -6.64 20.29 4.01
N PRO B 122 -7.51 20.76 4.91
CA PRO B 122 -8.34 19.81 5.66
C PRO B 122 -9.40 19.15 4.79
N PRO B 123 -9.89 17.94 5.12
CA PRO B 123 -10.94 17.28 4.31
C PRO B 123 -12.33 17.92 4.50
N SER B 124 -13.18 17.89 3.47
CA SER B 124 -14.62 18.05 3.63
C SER B 124 -15.12 16.63 3.86
N VAL B 125 -16.03 16.44 4.82
CA VAL B 125 -16.52 15.08 5.14
C VAL B 125 -18.02 15.05 4.83
N TYR B 126 -18.45 14.18 3.92
CA TYR B 126 -19.85 14.17 3.46
C TYR B 126 -20.54 12.89 3.89
N PRO B 127 -21.74 13.03 4.49
CA PRO B 127 -22.39 11.80 4.91
C PRO B 127 -23.05 11.11 3.72
N LEU B 128 -22.99 9.77 3.65
CA LEU B 128 -23.67 9.02 2.60
C LEU B 128 -24.78 8.17 3.24
N ALA B 129 -26.03 8.61 3.06
CA ALA B 129 -27.20 7.85 3.51
C ALA B 129 -27.94 7.34 2.26
N PRO B 130 -28.58 6.16 2.35
CA PRO B 130 -29.31 5.58 1.18
C PRO B 130 -30.28 6.59 0.52
N GLY B 131 -30.51 6.43 -0.78
CA GLY B 131 -31.50 7.25 -1.46
C GLY B 131 -32.93 6.95 -0.98
N SER B 132 -33.86 7.89 -1.23
CA SER B 132 -35.31 7.64 -1.13
C SER B 132 -35.70 6.32 -1.81
N ALA B 133 -35.65 5.23 -1.04
CA ALA B 133 -35.87 3.85 -1.54
C ALA B 133 -34.66 3.25 -2.30
N ALA B 134 -34.08 2.14 -1.81
CA ALA B 134 -34.43 1.48 -0.53
C ALA B 134 -34.33 -0.06 -0.61
N GLN B 135 -33.13 -0.57 -0.92
CA GLN B 135 -32.89 -2.02 -1.15
C GLN B 135 -32.34 -2.75 0.10
N THR B 136 -32.72 -4.03 0.21
CA THR B 136 -32.60 -4.88 1.44
C THR B 136 -33.32 -4.32 2.71
N ASN B 137 -34.23 -5.13 3.25
CA ASN B 137 -34.73 -4.88 4.58
C ASN B 137 -33.49 -5.00 5.50
N SER B 138 -32.74 -6.11 5.40
CA SER B 138 -31.97 -6.59 6.53
C SER B 138 -30.79 -5.72 7.00
N MET B 139 -29.71 -5.70 6.21
CA MET B 139 -28.51 -4.94 6.52
C MET B 139 -28.62 -3.67 5.73
N VAL B 140 -28.09 -2.60 6.31
CA VAL B 140 -28.06 -1.35 5.64
C VAL B 140 -26.60 -0.82 5.55
N THR B 141 -26.18 -0.34 4.39
CA THR B 141 -24.85 0.24 4.37
C THR B 141 -24.86 1.73 4.24
N LEU B 142 -24.00 2.32 5.04
CA LEU B 142 -23.82 3.75 5.13
C LEU B 142 -22.36 4.06 4.75
N GLY B 143 -22.13 5.33 4.42
CA GLY B 143 -20.84 5.79 3.93
C GLY B 143 -20.47 7.13 4.49
N CYS B 144 -19.19 7.45 4.33
CA CYS B 144 -18.61 8.74 4.62
C CYS B 144 -17.73 9.04 3.41
N LEU B 145 -17.88 10.19 2.77
CA LEU B 145 -16.98 10.55 1.68
C LEU B 145 -16.09 11.65 2.24
N VAL B 146 -14.77 11.42 2.17
CA VAL B 146 -13.74 12.29 2.78
C VAL B 146 -12.99 12.92 1.64
N LYS B 147 -13.32 14.16 1.30
CA LYS B 147 -12.86 14.66 0.03
C LYS B 147 -11.95 15.85 0.21
N GLY B 148 -10.89 15.91 -0.64
CA GLY B 148 -10.24 17.18 -0.90
C GLY B 148 -9.27 17.63 0.17
N TYR B 149 -8.53 16.66 0.74
CA TYR B 149 -7.54 16.98 1.77
C TYR B 149 -6.10 16.77 1.22
N PHE B 150 -5.14 17.27 1.98
CA PHE B 150 -3.71 17.13 1.70
C PHE B 150 -2.93 17.52 2.94
N PRO B 151 -1.85 16.78 3.32
CA PRO B 151 -1.42 15.52 2.71
C PRO B 151 -2.06 14.33 3.43
N GLU B 152 -1.68 13.12 3.03
CA GLU B 152 -1.97 11.90 3.81
C GLU B 152 -1.29 11.96 5.14
N PRO B 153 -1.78 11.18 6.14
CA PRO B 153 -2.95 10.31 6.11
C PRO B 153 -4.12 11.00 6.80
N VAL B 154 -5.30 10.45 6.69
CA VAL B 154 -6.37 10.74 7.60
C VAL B 154 -6.65 9.40 8.29
N THR B 155 -7.47 9.42 9.34
CA THR B 155 -7.95 8.18 9.95
C THR B 155 -9.45 8.29 9.98
N VAL B 156 -10.13 7.16 9.76
CA VAL B 156 -11.63 7.18 9.79
C VAL B 156 -12.08 6.12 10.74
N THR B 157 -12.94 6.45 11.71
CA THR B 157 -13.58 5.39 12.51
C THR B 157 -15.06 5.59 12.47
N TRP B 158 -15.80 4.60 12.96
CA TRP B 158 -17.23 4.74 13.09
C TRP B 158 -17.65 4.54 14.57
N ASN B 159 -18.52 5.43 15.03
CA ASN B 159 -18.94 5.47 16.43
C ASN B 159 -17.74 5.34 17.33
N SER B 160 -16.80 6.25 17.10
CA SER B 160 -15.57 6.39 17.85
C SER B 160 -14.85 5.09 18.02
N GLY B 161 -15.11 4.14 17.13
CA GLY B 161 -14.31 2.94 17.07
C GLY B 161 -15.12 1.73 17.43
N SER B 162 -16.32 1.93 17.96
CA SER B 162 -17.07 0.79 18.42
C SER B 162 -17.83 0.06 17.32
N LEU B 163 -18.11 0.72 16.19
CA LEU B 163 -18.43 -0.06 14.98
C LEU B 163 -17.12 -0.34 14.26
N SER B 164 -16.65 -1.58 14.30
CA SER B 164 -15.44 -1.99 13.57
C SER B 164 -15.69 -3.08 12.57
N SER B 165 -16.66 -3.96 12.79
CA SER B 165 -16.79 -5.01 11.79
C SER B 165 -17.80 -4.51 10.80
N GLY B 166 -17.73 -4.97 9.56
CA GLY B 166 -18.59 -4.37 8.56
C GLY B 166 -18.06 -3.05 8.03
N VAL B 167 -16.79 -2.69 8.30
CA VAL B 167 -16.25 -1.44 7.82
C VAL B 167 -15.29 -1.67 6.63
N HIS B 168 -15.40 -0.83 5.57
CA HIS B 168 -14.36 -0.80 4.50
C HIS B 168 -13.94 0.62 4.24
N THR B 169 -12.70 0.91 4.54
CA THR B 169 -12.17 2.22 4.35
C THR B 169 -11.19 2.04 3.20
N PHE B 170 -11.47 2.73 2.10
CA PHE B 170 -10.68 2.54 0.88
C PHE B 170 -9.38 3.39 0.80
N PRO B 171 -8.32 2.92 0.10
CA PRO B 171 -7.16 3.83 -0.04
C PRO B 171 -7.56 5.17 -0.72
N ALA B 172 -6.91 6.25 -0.29
CA ALA B 172 -7.10 7.57 -0.85
C ALA B 172 -6.60 7.60 -2.28
N VAL B 173 -7.22 8.38 -3.16
CA VAL B 173 -6.64 8.63 -4.48
C VAL B 173 -6.37 10.09 -4.68
N LEU B 174 -5.21 10.38 -5.29
CA LEU B 174 -4.74 11.72 -5.39
C LEU B 174 -5.23 12.22 -6.68
N GLN B 175 -5.93 13.35 -6.66
CA GLN B 175 -6.31 13.97 -7.91
C GLN B 175 -5.71 15.30 -8.14
N SER B 176 -6.20 16.39 -7.65
CA SER B 176 -5.46 17.53 -8.21
C SER B 176 -4.67 18.13 -7.11
N ASP B 177 -3.74 17.36 -6.61
CA ASP B 177 -3.11 17.62 -5.35
C ASP B 177 -4.09 17.63 -4.19
N LEU B 178 -5.14 16.87 -4.31
CA LEU B 178 -6.00 16.63 -3.21
C LEU B 178 -6.35 15.17 -3.24
N TYR B 179 -6.42 14.62 -2.01
CA TYR B 179 -6.84 13.25 -1.81
C TYR B 179 -8.34 13.11 -1.57
N THR B 180 -8.89 12.01 -2.06
CA THR B 180 -10.26 11.65 -1.75
C THR B 180 -10.32 10.18 -1.27
N LEU B 181 -11.13 9.89 -0.29
CA LEU B 181 -11.35 8.53 0.10
C LEU B 181 -12.74 8.33 0.63
N SER B 182 -13.18 7.10 0.70
CA SER B 182 -14.48 6.86 1.29
C SER B 182 -14.37 5.67 2.23
N SER B 183 -15.41 5.52 3.05
CA SER B 183 -15.49 4.44 3.99
C SER B 183 -16.96 4.00 4.01
N SER B 184 -17.21 2.68 3.99
CA SER B 184 -18.57 2.22 4.16
C SER B 184 -18.73 1.51 5.48
N VAL B 185 -19.92 1.60 6.05
CA VAL B 185 -20.16 0.67 7.21
C VAL B 185 -21.49 0.01 6.99
N THR B 186 -21.61 -1.24 7.45
CA THR B 186 -22.77 -2.09 7.21
C THR B 186 -23.33 -2.53 8.56
N VAL B 187 -24.58 -2.18 8.82
CA VAL B 187 -25.18 -2.45 10.14
C VAL B 187 -26.59 -3.01 9.97
N PRO B 188 -27.09 -3.70 11.01
CA PRO B 188 -28.51 -4.13 10.96
C PRO B 188 -29.45 -2.94 10.78
N SER B 189 -30.43 -3.03 9.90
CA SER B 189 -31.47 -2.02 9.92
C SER B 189 -32.17 -2.16 11.26
N SER B 190 -33.03 -1.22 11.63
CA SER B 190 -33.63 -1.37 12.97
C SER B 190 -32.61 -0.85 13.96
N THR B 191 -31.34 -0.89 13.56
CA THR B 191 -30.29 -0.28 14.33
C THR B 191 -30.07 1.08 13.75
N TRP B 192 -30.31 1.19 12.45
CA TRP B 192 -30.23 2.50 11.87
C TRP B 192 -31.45 2.81 11.04
N PRO B 193 -32.17 3.89 11.40
CA PRO B 193 -32.17 4.32 12.84
C PRO B 193 -33.07 3.36 13.76
N SER B 194 -33.36 3.72 15.02
CA SER B 194 -32.84 4.89 15.64
C SER B 194 -31.36 4.85 15.64
N GLU B 195 -30.77 3.98 16.45
CA GLU B 195 -29.38 4.19 16.90
C GLU B 195 -28.53 5.03 15.96
N THR B 196 -27.77 5.97 16.52
CA THR B 196 -27.07 6.89 15.68
C THR B 196 -25.73 6.32 15.20
N VAL B 197 -25.40 6.71 13.97
CA VAL B 197 -24.14 6.31 13.36
C VAL B 197 -23.36 7.56 12.90
N THR B 198 -22.08 7.65 13.28
CA THR B 198 -21.21 8.83 13.06
C THR B 198 -19.87 8.36 12.48
N CYS B 199 -19.40 8.96 11.38
CA CYS B 199 -18.01 8.66 10.99
C CYS B 199 -17.22 9.74 11.66
N ASN B 200 -16.11 9.32 12.28
CA ASN B 200 -15.11 10.21 12.92
C ASN B 200 -13.85 10.28 12.03
N VAL B 201 -13.59 11.44 11.45
CA VAL B 201 -12.45 11.64 10.54
C VAL B 201 -11.44 12.53 11.27
N ALA B 202 -10.16 12.10 11.29
CA ALA B 202 -9.11 12.98 11.77
C ALA B 202 -8.07 13.20 10.69
N HIS B 203 -7.57 14.43 10.66
CA HIS B 203 -6.52 14.82 9.72
C HIS B 203 -5.46 15.53 10.52
N PRO B 204 -4.46 14.78 11.02
CA PRO B 204 -3.41 15.44 11.85
C PRO B 204 -2.70 16.62 11.18
N ALA B 205 -2.42 16.51 9.89
CA ALA B 205 -1.64 17.62 9.30
C ALA B 205 -2.38 18.97 9.47
N SER B 206 -3.70 18.98 9.50
CA SER B 206 -4.45 20.23 9.60
C SER B 206 -5.06 20.38 10.99
N SER B 207 -4.66 19.51 11.95
CA SER B 207 -5.18 19.54 13.34
C SER B 207 -6.71 19.59 13.33
N THR B 208 -7.32 18.84 12.42
CA THR B 208 -8.77 18.88 12.26
C THR B 208 -9.40 17.55 12.59
N LYS B 209 -10.56 17.62 13.22
CA LYS B 209 -11.50 16.46 13.43
C LYS B 209 -12.92 16.81 12.97
N VAL B 210 -13.57 15.89 12.26
CA VAL B 210 -14.93 16.09 11.83
C VAL B 210 -15.71 14.85 12.32
N ASP B 211 -16.82 15.03 13.03
CA ASP B 211 -17.62 13.88 13.41
C ASP B 211 -18.98 14.02 12.81
N LYS B 212 -19.19 13.28 11.71
CA LYS B 212 -20.30 13.44 10.87
C LYS B 212 -21.37 12.35 11.06
N LYS B 213 -22.50 12.77 11.63
CA LYS B 213 -23.70 11.93 11.84
C LYS B 213 -24.39 11.60 10.54
N ILE B 214 -24.63 10.32 10.29
CA ILE B 214 -25.38 9.89 9.11
C ILE B 214 -26.87 9.94 9.47
N VAL B 215 -27.59 10.84 8.80
CA VAL B 215 -29.04 11.01 9.01
C VAL B 215 -29.80 10.71 7.74
N PRO B 216 -31.05 10.20 7.89
CA PRO B 216 -31.81 9.69 6.77
C PRO B 216 -32.15 10.80 5.87
N ARG B 217 -32.13 10.49 4.58
CA ARG B 217 -32.34 11.42 3.46
C ARG B 217 -31.41 11.05 2.26
N ASP B 218 -30.30 11.77 2.11
CA ASP B 218 -29.56 11.93 0.82
C ASP B 218 -29.14 10.65 0.12
N GLU C 1 31.75 -18.55 4.35
CA GLU C 1 32.00 -19.92 4.93
C GLU C 1 31.52 -19.90 6.40
N PRO C 2 32.31 -20.43 7.39
CA PRO C 2 31.93 -20.04 8.77
C PRO C 2 31.59 -18.49 9.03
N VAL C 3 32.47 -17.46 8.87
CA VAL C 3 33.94 -17.35 8.78
C VAL C 3 34.24 -15.85 8.48
N ASP C 4 33.67 -15.34 7.38
CA ASP C 4 34.04 -14.02 6.75
C ASP C 4 33.12 -12.83 7.15
N PRO C 5 33.34 -11.58 6.56
CA PRO C 5 32.44 -10.46 6.96
C PRO C 5 31.05 -10.56 6.31
N LYS C 6 30.93 -11.41 5.27
CA LYS C 6 29.63 -11.76 4.67
C LYS C 6 29.00 -10.55 3.98
N LEU C 7 29.84 -9.74 3.34
CA LEU C 7 29.44 -8.50 2.71
C LEU C 7 29.33 -8.73 1.22
N GLU C 8 28.60 -7.84 0.55
CA GLU C 8 28.40 -7.90 -0.89
C GLU C 8 29.69 -7.43 -1.59
N PRO C 9 29.88 -7.81 -2.86
CA PRO C 9 31.12 -7.58 -3.58
C PRO C 9 31.56 -6.13 -3.69
N TRP C 10 30.65 -5.17 -3.52
CA TRP C 10 31.02 -3.77 -3.79
C TRP C 10 31.29 -3.05 -2.52
N LYS C 11 31.17 -3.78 -1.41
CA LYS C 11 31.50 -3.21 -0.12
C LYS C 11 33.01 -3.28 0.10
N HIS C 12 33.54 -2.26 0.76
CA HIS C 12 34.91 -2.27 1.23
C HIS C 12 34.83 -2.67 2.70
N PRO C 13 35.58 -3.72 3.11
CA PRO C 13 35.38 -4.20 4.51
C PRO C 13 35.69 -3.07 5.50
N GLY C 14 34.79 -2.86 6.48
CA GLY C 14 34.81 -1.68 7.39
C GLY C 14 35.75 -1.85 8.60
N SER C 15 35.95 -0.77 9.35
CA SER C 15 36.79 -0.80 10.55
C SER C 15 35.95 -0.79 11.86
#